data_7KFF
#
_entry.id   7KFF
#
_cell.length_a   83.619
_cell.length_b   83.619
_cell.length_c   79.418
_cell.angle_alpha   90.000
_cell.angle_beta   90.000
_cell.angle_gamma   120.000
#
_symmetry.space_group_name_H-M   'P 31 2 1'
#
loop_
_entity.id
_entity.type
_entity.pdbx_description
1 polymer 'tRNA (guanine-N(1)-)-methyltransferase'
2 non-polymer 'ACETATE ION'
3 non-polymer S-ADENOSYL-L-HOMOCYSTEINE
4 water water
#
_entity_poly.entity_id   1
_entity_poly.type   'polypeptide(L)'
_entity_poly.pdbx_seq_one_letter_code
;(MSE)HHHHHHENLYFQSNA(MSE)RLDVITIFPEYLDPLRHALLGKAIEKDLLSVGVHDLRLWAEDAHKSVDDSPFGGG
PG(MSE)V(MSE)KPTVWGPALDDVAT(MSE)SGKAH(MSE)GAQLDSARVHVDKPRHDELEGIQFAGYDAAEVAEADKP
LLLVPTPAGAPFTQEDARAWSNEEHIVFACGRYEGIDQRVIEDAKKTYRVREVSIGDYVLIGGEVAVLVIAEAVVRLIPG
VLGNTQSHQDDSFSDGLLEGPSYTKPREWRGLEVPEVLTSGNHAKIERWRREQSLKRTWEVRPELLDG(MSE)ELDRHDQ
AYVEGLRRGNTSDNLN
;
_entity_poly.pdbx_strand_id   A
#
# COMPACT_ATOMS: atom_id res chain seq x y z
N ASN A 15 -21.75 -2.23 -3.82
CA ASN A 15 -20.88 -2.87 -2.80
C ASN A 15 -19.43 -3.00 -3.26
N ALA A 16 -19.19 -2.77 -4.56
CA ALA A 16 -17.83 -2.84 -5.08
C ALA A 16 -17.11 -1.53 -4.83
N ARG A 18 -14.81 1.28 -6.02
CA ARG A 18 -14.42 1.88 -7.29
C ARG A 18 -13.09 2.59 -7.14
N LEU A 19 -12.14 2.25 -7.98
CA LEU A 19 -10.87 2.94 -8.09
C LEU A 19 -10.80 3.63 -9.43
N ASP A 20 -10.47 4.92 -9.44
CA ASP A 20 -10.21 5.66 -10.66
C ASP A 20 -8.79 6.21 -10.58
N VAL A 21 -8.02 6.04 -11.64
CA VAL A 21 -6.62 6.45 -11.67
C VAL A 21 -6.43 7.40 -12.84
N ILE A 22 -5.83 8.56 -12.58
CA ILE A 22 -5.56 9.56 -13.61
C ILE A 22 -4.05 9.62 -13.80
N THR A 23 -3.60 9.43 -15.05
CA THR A 23 -2.19 9.17 -15.33
C THR A 23 -1.87 9.49 -16.79
N ILE A 24 -0.62 9.84 -17.05
CA ILE A 24 -0.16 9.91 -18.45
C ILE A 24 0.34 8.55 -18.98
N PHE A 25 0.35 7.50 -18.16
CA PHE A 25 0.73 6.16 -18.58
C PHE A 25 -0.33 5.16 -18.14
N PRO A 26 -1.50 5.19 -18.79
CA PRO A 26 -2.55 4.23 -18.41
C PRO A 26 -2.10 2.77 -18.39
N GLU A 27 -1.22 2.38 -19.32
CA GLU A 27 -0.75 1.02 -19.42
C GLU A 27 -0.04 0.56 -18.15
N TYR A 28 0.53 1.48 -17.38
CA TYR A 28 1.24 1.12 -16.16
C TYR A 28 0.28 0.46 -15.18
N LEU A 29 -1.01 0.78 -15.27
CA LEU A 29 -1.99 0.24 -14.35
C LEU A 29 -2.59 -1.08 -14.80
N ASP A 30 -2.08 -1.66 -15.86
CA ASP A 30 -2.56 -2.97 -16.30
C ASP A 30 -2.55 -4.02 -15.17
N PRO A 31 -1.60 -4.00 -14.23
CA PRO A 31 -1.63 -5.01 -13.15
C PRO A 31 -2.81 -4.90 -12.21
N LEU A 32 -3.58 -3.82 -12.24
CA LEU A 32 -4.81 -3.80 -11.45
C LEU A 32 -5.81 -4.83 -11.94
N ARG A 33 -5.62 -5.38 -13.15
CA ARG A 33 -6.47 -6.42 -13.68
C ARG A 33 -5.76 -7.78 -13.76
N HIS A 34 -4.63 -7.92 -13.10
CA HIS A 34 -3.91 -9.18 -13.01
C HIS A 34 -4.03 -9.76 -11.62
N ALA A 35 -3.74 -11.07 -11.53
CA ALA A 35 -3.61 -11.78 -10.25
C ALA A 35 -4.84 -11.50 -9.39
N LEU A 36 -4.68 -11.20 -8.09
CA LEU A 36 -5.80 -11.24 -7.17
C LEU A 36 -6.78 -10.09 -7.41
N LEU A 37 -6.29 -8.91 -7.80
CA LEU A 37 -7.22 -7.82 -8.09
C LEU A 37 -8.07 -8.13 -9.32
N GLY A 38 -7.51 -8.80 -10.32
CA GLY A 38 -8.32 -9.25 -11.44
C GLY A 38 -9.42 -10.21 -10.99
N LYS A 39 -9.10 -11.08 -10.02
CA LYS A 39 -10.11 -11.98 -9.46
C LYS A 39 -11.16 -11.20 -8.71
N ALA A 40 -10.74 -10.15 -8.00
CA ALA A 40 -11.69 -9.31 -7.27
C ALA A 40 -12.69 -8.67 -8.22
N ILE A 41 -12.22 -8.19 -9.36
CA ILE A 41 -13.13 -7.66 -10.37
C ILE A 41 -14.15 -8.71 -10.78
N GLU A 42 -13.70 -9.94 -11.00
CA GLU A 42 -14.60 -11.01 -11.42
C GLU A 42 -15.55 -11.48 -10.32
N LYS A 43 -15.35 -11.05 -9.08
CA LYS A 43 -16.28 -11.28 -7.98
C LYS A 43 -17.16 -10.06 -7.72
N ASP A 44 -17.11 -9.04 -8.59
CA ASP A 44 -17.86 -7.80 -8.41
C ASP A 44 -17.49 -7.09 -7.09
N LEU A 45 -16.25 -7.25 -6.63
CA LEU A 45 -15.77 -6.59 -5.42
C LEU A 45 -14.97 -5.34 -5.74
N LEU A 46 -14.60 -5.16 -7.01
CA LEU A 46 -13.71 -4.08 -7.41
C LEU A 46 -14.13 -3.63 -8.80
N SER A 47 -14.07 -2.32 -9.02
CA SER A 47 -14.31 -1.70 -10.32
C SER A 47 -13.16 -0.73 -10.54
N VAL A 48 -12.55 -0.77 -11.73
CA VAL A 48 -11.36 0.02 -12.00
C VAL A 48 -11.55 0.85 -13.26
N GLY A 49 -11.29 2.15 -13.13
CA GLY A 49 -11.19 3.04 -14.26
C GLY A 49 -9.83 3.70 -14.32
N VAL A 50 -9.19 3.67 -15.49
CA VAL A 50 -7.88 4.28 -15.71
C VAL A 50 -8.04 5.31 -16.81
N HIS A 51 -7.64 6.56 -16.54
CA HIS A 51 -7.90 7.70 -17.42
C HIS A 51 -6.62 8.38 -17.82
N ASP A 52 -6.47 8.61 -19.13
CA ASP A 52 -5.32 9.34 -19.67
C ASP A 52 -5.49 10.81 -19.37
N LEU A 53 -4.59 11.35 -18.55
CA LEU A 53 -4.64 12.78 -18.22
C LEU A 53 -4.66 13.66 -19.46
N ARG A 54 -4.03 13.21 -20.55
CA ARG A 54 -3.98 14.04 -21.76
C ARG A 54 -5.35 14.27 -22.37
N LEU A 55 -6.36 13.48 -22.02
CA LEU A 55 -7.69 13.76 -22.51
C LEU A 55 -8.12 15.16 -22.13
N TRP A 56 -7.57 15.71 -21.06
CA TRP A 56 -7.93 17.02 -20.56
C TRP A 56 -6.95 18.12 -20.98
N ALA A 57 -5.98 17.80 -21.83
CA ALA A 57 -5.05 18.82 -22.33
C ALA A 57 -5.66 19.51 -23.54
N GLU A 58 -5.61 20.83 -23.55
CA GLU A 58 -6.35 21.60 -24.55
C GLU A 58 -5.54 21.83 -25.82
N ASP A 59 -4.29 22.24 -25.69
CA ASP A 59 -3.49 22.56 -26.87
C ASP A 59 -3.39 21.34 -27.79
N ALA A 60 -3.00 21.61 -29.04
CA ALA A 60 -2.79 20.53 -29.99
C ALA A 60 -1.68 19.59 -29.53
N HIS A 61 -0.73 20.11 -28.75
CA HIS A 61 0.41 19.34 -28.28
C HIS A 61 0.08 18.42 -27.12
N LYS A 62 -1.13 18.51 -26.56
CA LYS A 62 -1.54 17.70 -25.41
C LYS A 62 -0.56 17.83 -24.25
N SER A 63 -0.18 19.07 -23.96
CA SER A 63 0.80 19.35 -22.93
C SER A 63 0.18 19.23 -21.55
N VAL A 64 0.89 18.56 -20.64
CA VAL A 64 0.44 18.39 -19.27
C VAL A 64 1.40 18.99 -18.25
N ASP A 65 2.51 19.59 -18.69
CA ASP A 65 3.54 20.04 -17.78
C ASP A 65 4.19 21.31 -18.32
N ASP A 66 4.85 22.04 -17.44
CA ASP A 66 5.44 23.33 -17.76
C ASP A 66 6.53 23.64 -16.75
N SER A 67 7.35 24.64 -17.06
CA SER A 67 8.48 24.97 -16.21
C SER A 67 8.04 25.49 -14.85
N PRO A 68 8.81 25.22 -13.80
CA PRO A 68 8.40 25.68 -12.47
C PRO A 68 8.60 27.17 -12.30
N PHE A 69 7.64 27.79 -11.62
CA PHE A 69 7.87 29.15 -11.11
C PHE A 69 9.06 29.14 -10.16
N GLY A 70 9.84 30.21 -10.21
CA GLY A 70 11.04 30.32 -9.42
C GLY A 70 12.28 29.90 -10.14
N GLY A 71 12.16 29.44 -11.38
CA GLY A 71 13.31 28.94 -12.09
C GLY A 71 13.64 27.55 -11.60
N GLY A 72 14.75 27.04 -12.11
CA GLY A 72 15.17 25.73 -11.73
C GLY A 72 14.69 24.69 -12.73
N PRO A 73 15.32 23.53 -12.68
CA PRO A 73 15.09 22.53 -13.72
C PRO A 73 13.83 21.72 -13.43
N GLY A 74 13.49 20.90 -14.38
CA GLY A 74 12.36 20.03 -14.22
C GLY A 74 11.10 20.64 -14.76
N VAL A 76 6.65 20.76 -13.96
CA VAL A 76 5.57 20.62 -13.00
C VAL A 76 4.28 20.41 -13.77
N LYS A 78 0.40 20.64 -14.88
CA LYS A 78 -0.35 21.88 -15.03
C LYS A 78 -1.69 21.83 -14.30
N PRO A 79 -2.03 22.87 -13.53
CA PRO A 79 -3.37 22.92 -12.92
C PRO A 79 -4.49 22.99 -13.93
N THR A 80 -4.28 23.65 -15.07
CA THR A 80 -5.37 23.80 -16.05
C THR A 80 -5.73 22.48 -16.74
N VAL A 81 -4.91 21.44 -16.57
CA VAL A 81 -5.23 20.08 -17.01
C VAL A 81 -5.75 19.24 -15.85
N TRP A 82 -5.05 19.29 -14.71
CA TRP A 82 -5.43 18.47 -13.56
C TRP A 82 -6.78 18.84 -12.97
N GLY A 83 -7.08 20.13 -12.85
CA GLY A 83 -8.31 20.54 -12.23
C GLY A 83 -9.54 19.99 -12.92
N PRO A 84 -9.65 20.23 -14.23
CA PRO A 84 -10.78 19.63 -14.99
C PRO A 84 -10.83 18.12 -14.91
N ALA A 85 -9.67 17.45 -14.96
CA ALA A 85 -9.64 15.99 -14.87
C ALA A 85 -10.22 15.52 -13.55
N LEU A 86 -9.79 16.14 -12.44
CA LEU A 86 -10.30 15.74 -11.15
C LEU A 86 -11.77 16.07 -10.98
N ASP A 87 -12.21 17.21 -11.55
CA ASP A 87 -13.63 17.57 -11.50
C ASP A 87 -14.47 16.48 -12.18
N ASP A 88 -14.04 16.05 -13.36
CA ASP A 88 -14.82 15.10 -14.16
C ASP A 88 -14.81 13.71 -13.53
N VAL A 89 -13.65 13.27 -13.04
CA VAL A 89 -13.61 11.92 -12.50
C VAL A 89 -14.39 11.80 -11.20
N ALA A 90 -14.57 12.91 -10.47
CA ALA A 90 -15.30 12.83 -9.22
C ALA A 90 -16.75 12.41 -9.43
N THR A 91 -17.29 12.68 -10.62
CA THR A 91 -18.66 12.32 -10.96
C THR A 91 -18.85 10.86 -11.33
N SER A 93 -19.47 7.58 -9.97
CA SER A 93 -19.95 6.61 -8.99
C SER A 93 -18.99 6.48 -7.81
N VAL A 130 -21.28 19.65 -0.01
CA VAL A 130 -21.20 18.25 0.35
C VAL A 130 -20.50 18.10 1.70
N ALA A 131 -21.04 17.25 2.57
CA ALA A 131 -20.37 16.94 3.82
C ALA A 131 -19.08 16.18 3.52
N GLU A 132 -18.08 16.36 4.39
CA GLU A 132 -16.78 15.76 4.15
C GLU A 132 -16.90 14.26 3.92
N ALA A 133 -17.68 13.59 4.77
CA ALA A 133 -17.73 12.14 4.73
C ALA A 133 -18.29 11.65 3.40
N ASP A 134 -19.11 12.47 2.73
CA ASP A 134 -19.71 12.11 1.46
C ASP A 134 -18.82 12.40 0.27
N LYS A 135 -17.73 13.11 0.46
CA LYS A 135 -16.82 13.34 -0.64
C LYS A 135 -16.01 12.07 -0.91
N PRO A 136 -15.65 11.82 -2.15
CA PRO A 136 -14.72 10.72 -2.44
C PRO A 136 -13.34 11.02 -1.90
N LEU A 137 -12.54 9.98 -1.77
CA LEU A 137 -11.16 10.10 -1.31
C LEU A 137 -10.24 10.27 -2.50
N LEU A 138 -9.38 11.30 -2.46
CA LEU A 138 -8.33 11.53 -3.44
C LEU A 138 -6.99 11.23 -2.80
N LEU A 139 -6.29 10.23 -3.34
CA LEU A 139 -4.93 9.90 -2.91
C LEU A 139 -3.94 10.45 -3.92
N VAL A 140 -2.96 11.19 -3.41
CA VAL A 140 -1.93 11.84 -4.22
C VAL A 140 -0.59 11.31 -3.77
N PRO A 141 -0.03 10.34 -4.49
CA PRO A 141 1.30 9.82 -4.10
C PRO A 141 2.34 10.91 -4.21
N THR A 142 3.17 11.02 -3.16
CA THR A 142 4.28 11.94 -3.18
C THR A 142 5.24 11.52 -2.08
N PRO A 143 6.55 11.60 -2.31
CA PRO A 143 7.50 11.22 -1.25
C PRO A 143 7.47 12.19 -0.09
N ALA A 144 6.81 13.34 -0.26
CA ALA A 144 6.64 14.33 0.80
C ALA A 144 5.28 14.22 1.49
N GLY A 145 4.54 13.14 1.25
CA GLY A 145 3.29 12.90 1.93
C GLY A 145 3.46 12.11 3.20
N ALA A 146 2.41 12.09 4.02
CA ALA A 146 2.45 11.26 5.21
C ALA A 146 2.62 9.80 4.82
N PRO A 147 3.43 9.05 5.55
CA PRO A 147 3.68 7.65 5.18
C PRO A 147 2.42 6.80 5.13
N PHE A 148 2.34 5.95 4.10
CA PHE A 148 1.32 4.92 4.03
C PHE A 148 1.57 3.89 5.15
N THR A 149 0.52 3.58 5.90
CA THR A 149 0.60 2.64 7.00
C THR A 149 -0.49 1.58 6.84
N GLN A 150 -0.33 0.51 7.60
CA GLN A 150 -1.35 -0.53 7.59
C GLN A 150 -2.68 0.01 8.14
N GLU A 151 -2.62 0.96 9.07
N GLU A 151 -2.61 0.96 9.07
CA GLU A 151 -3.85 1.60 9.54
CA GLU A 151 -3.81 1.62 9.55
C GLU A 151 -4.55 2.34 8.40
C GLU A 151 -4.53 2.35 8.42
N ASP A 152 -3.78 3.04 7.55
CA ASP A 152 -4.38 3.66 6.37
C ASP A 152 -5.06 2.60 5.51
N ALA A 153 -4.38 1.46 5.31
CA ALA A 153 -4.96 0.42 4.46
C ALA A 153 -6.30 -0.05 5.01
N ARG A 154 -6.37 -0.25 6.32
CA ARG A 154 -7.63 -0.66 6.94
C ARG A 154 -8.69 0.41 6.74
N ALA A 155 -8.35 1.67 7.05
CA ALA A 155 -9.32 2.75 6.85
C ALA A 155 -9.84 2.77 5.42
N TRP A 156 -8.92 2.74 4.45
CA TRP A 156 -9.30 2.94 3.06
C TRP A 156 -10.04 1.74 2.49
N SER A 157 -9.90 0.55 3.09
CA SER A 157 -10.68 -0.60 2.64
C SER A 157 -12.18 -0.36 2.80
N ASN A 158 -12.58 0.65 3.57
CA ASN A 158 -13.98 1.00 3.74
C ASN A 158 -14.50 2.01 2.73
N GLU A 159 -13.65 2.53 1.88
CA GLU A 159 -14.08 3.55 0.93
C GLU A 159 -14.90 2.96 -0.21
N GLU A 160 -15.90 3.72 -0.66
CA GLU A 160 -16.64 3.34 -1.86
C GLU A 160 -15.94 3.80 -3.13
N HIS A 161 -15.20 4.90 -3.07
CA HIS A 161 -14.61 5.52 -4.27
C HIS A 161 -13.30 6.17 -3.88
N ILE A 162 -12.21 5.65 -4.47
CA ILE A 162 -10.88 6.22 -4.33
C ILE A 162 -10.40 6.65 -5.70
N VAL A 163 -9.98 7.90 -5.81
CA VAL A 163 -9.36 8.47 -7.00
C VAL A 163 -7.88 8.68 -6.69
N PHE A 164 -7.03 8.36 -7.65
CA PHE A 164 -5.59 8.55 -7.55
C PHE A 164 -5.11 9.54 -8.60
N ALA A 165 -4.34 10.55 -8.19
CA ALA A 165 -3.72 11.52 -9.09
C ALA A 165 -2.23 11.19 -9.17
N CYS A 166 -1.79 10.66 -10.31
CA CYS A 166 -0.41 10.19 -10.46
C CYS A 166 0.52 11.27 -10.97
N GLY A 167 1.52 11.64 -10.16
CA GLY A 167 2.50 12.61 -10.58
C GLY A 167 3.65 11.99 -11.35
N ARG A 168 4.30 12.84 -12.14
CA ARG A 168 5.54 12.57 -12.83
C ARG A 168 6.36 13.87 -12.73
N TYR A 169 7.64 13.79 -13.10
CA TYR A 169 8.50 14.96 -13.18
C TYR A 169 8.69 15.51 -11.76
N GLU A 170 8.50 16.82 -11.55
CA GLU A 170 8.63 17.37 -10.21
C GLU A 170 7.38 17.17 -9.38
N GLY A 171 6.30 16.70 -10.00
CA GLY A 171 5.04 16.51 -9.32
C GLY A 171 3.96 17.40 -9.87
N ILE A 172 2.91 17.57 -9.09
CA ILE A 172 1.72 18.30 -9.50
C ILE A 172 1.71 19.65 -8.80
N ASP A 173 1.37 20.70 -9.53
CA ASP A 173 1.22 22.03 -8.94
C ASP A 173 0.38 21.94 -7.67
N GLN A 174 0.90 22.48 -6.58
CA GLN A 174 0.28 22.26 -5.27
C GLN A 174 -1.13 22.81 -5.19
N ARG A 175 -1.44 23.84 -5.99
CA ARG A 175 -2.78 24.40 -5.94
C ARG A 175 -3.84 23.39 -6.37
N VAL A 176 -3.47 22.41 -7.19
CA VAL A 176 -4.41 21.36 -7.57
C VAL A 176 -4.89 20.63 -6.34
N ILE A 177 -3.94 20.29 -5.45
CA ILE A 177 -4.22 19.56 -4.22
C ILE A 177 -5.11 20.38 -3.31
N GLU A 178 -4.81 21.68 -3.17
CA GLU A 178 -5.64 22.50 -2.29
C GLU A 178 -7.04 22.69 -2.87
N ASP A 179 -7.13 23.02 -4.16
CA ASP A 179 -8.44 23.19 -4.78
C ASP A 179 -9.26 21.91 -4.75
N ALA A 180 -8.60 20.75 -4.84
CA ALA A 180 -9.32 19.48 -4.84
C ALA A 180 -10.08 19.25 -3.55
N LYS A 181 -9.69 19.92 -2.46
CA LYS A 181 -10.37 19.74 -1.19
C LYS A 181 -11.82 20.20 -1.24
N LYS A 182 -12.19 21.02 -2.21
CA LYS A 182 -13.59 21.40 -2.35
C LYS A 182 -14.45 20.20 -2.75
N THR A 183 -13.86 19.22 -3.43
CA THR A 183 -14.58 18.10 -4.00
C THR A 183 -14.27 16.77 -3.35
N TYR A 184 -13.07 16.64 -2.80
CA TYR A 184 -12.57 15.38 -2.28
C TYR A 184 -12.08 15.57 -0.85
N ARG A 185 -12.04 14.46 -0.09
CA ARG A 185 -11.13 14.34 1.04
C ARG A 185 -9.76 14.01 0.46
N VAL A 186 -8.74 14.83 0.73
CA VAL A 186 -7.45 14.75 0.04
C VAL A 186 -6.40 14.25 1.00
N ARG A 187 -5.62 13.25 0.56
CA ARG A 187 -4.47 12.76 1.31
C ARG A 187 -3.27 12.65 0.37
N GLU A 188 -2.20 13.32 0.73
CA GLU A 188 -0.88 13.11 0.12
C GLU A 188 -0.21 11.96 0.86
N VAL A 189 0.35 11.01 0.12
CA VAL A 189 0.80 9.76 0.73
C VAL A 189 2.11 9.30 0.10
N SER A 190 3.10 9.02 0.96
CA SER A 190 4.35 8.43 0.53
C SER A 190 4.34 6.93 0.84
N ILE A 191 4.83 6.12 -0.11
CA ILE A 191 4.95 4.69 0.19
C ILE A 191 6.26 4.32 0.89
N GLY A 192 7.18 5.27 1.04
CA GLY A 192 8.42 5.00 1.74
C GLY A 192 9.44 6.08 1.47
N ASP A 193 10.55 5.99 2.21
CA ASP A 193 11.58 7.05 2.18
C ASP A 193 12.59 6.75 1.07
N TYR A 194 12.09 6.83 -0.16
CA TYR A 194 12.89 6.59 -1.35
C TYR A 194 12.15 7.29 -2.48
N VAL A 195 12.86 7.52 -3.58
CA VAL A 195 12.35 8.36 -4.65
C VAL A 195 12.04 7.51 -5.89
N LEU A 196 10.78 7.52 -6.30
CA LEU A 196 10.30 6.83 -7.47
C LEU A 196 10.27 7.76 -8.67
N ILE A 197 9.92 7.20 -9.83
CA ILE A 197 9.81 7.98 -11.07
C ILE A 197 8.42 8.59 -11.21
N GLY A 198 7.39 7.85 -10.81
CA GLY A 198 6.03 8.32 -10.97
C GLY A 198 5.13 7.73 -9.90
N GLY A 199 3.95 8.31 -9.79
CA GLY A 199 2.97 7.83 -8.83
C GLY A 199 2.25 6.56 -9.20
N GLU A 200 2.32 6.12 -10.45
CA GLU A 200 1.57 4.94 -10.89
C GLU A 200 1.93 3.69 -10.06
N VAL A 201 3.22 3.45 -9.83
CA VAL A 201 3.59 2.26 -9.07
C VAL A 201 3.08 2.35 -7.64
N ALA A 202 3.02 3.56 -7.09
CA ALA A 202 2.48 3.72 -5.74
C ALA A 202 0.99 3.42 -5.70
N VAL A 203 0.26 3.69 -6.79
CA VAL A 203 -1.14 3.26 -6.88
C VAL A 203 -1.22 1.74 -6.79
N LEU A 204 -0.37 1.03 -7.52
CA LEU A 204 -0.40 -0.43 -7.46
C LEU A 204 -0.14 -0.93 -6.05
N VAL A 205 0.81 -0.30 -5.34
CA VAL A 205 1.13 -0.69 -3.96
C VAL A 205 -0.08 -0.49 -3.06
N ILE A 206 -0.66 0.70 -3.10
CA ILE A 206 -1.78 1.03 -2.21
C ILE A 206 -2.98 0.15 -2.54
N ALA A 207 -3.23 -0.06 -3.84
CA ALA A 207 -4.35 -0.89 -4.25
C ALA A 207 -4.21 -2.31 -3.71
N GLU A 208 -3.01 -2.89 -3.79
CA GLU A 208 -2.85 -4.24 -3.25
C GLU A 208 -3.18 -4.27 -1.76
N ALA A 209 -2.62 -3.34 -1.00
CA ALA A 209 -2.76 -3.35 0.45
C ALA A 209 -4.19 -3.09 0.88
N VAL A 210 -4.92 -2.26 0.14
CA VAL A 210 -6.30 -1.94 0.46
C VAL A 210 -7.25 -3.05 0.00
N VAL A 211 -7.15 -3.46 -1.26
CA VAL A 211 -8.14 -4.38 -1.79
C VAL A 211 -8.05 -5.74 -1.13
N ARG A 212 -6.86 -6.16 -0.70
CA ARG A 212 -6.78 -7.45 -0.04
C ARG A 212 -7.52 -7.49 1.29
N LEU A 213 -7.94 -6.35 1.83
CA LEU A 213 -8.71 -6.28 3.06
C LEU A 213 -10.21 -6.28 2.81
N ILE A 214 -10.65 -6.33 1.54
CA ILE A 214 -12.08 -6.45 1.23
C ILE A 214 -12.47 -7.91 1.39
N PRO A 215 -13.50 -8.22 2.17
CA PRO A 215 -13.90 -9.63 2.33
C PRO A 215 -14.22 -10.27 0.99
N GLY A 216 -13.69 -11.47 0.78
CA GLY A 216 -13.85 -12.22 -0.44
C GLY A 216 -12.66 -12.18 -1.39
N VAL A 217 -11.73 -11.23 -1.20
CA VAL A 217 -10.65 -11.06 -2.17
C VAL A 217 -9.54 -12.08 -1.96
N LEU A 218 -9.08 -12.25 -0.73
CA LEU A 218 -8.02 -13.22 -0.47
C LEU A 218 -8.49 -14.66 -0.61
N GLY A 219 -9.76 -14.92 -0.37
CA GLY A 219 -10.30 -16.25 -0.51
C GLY A 219 -10.06 -17.11 0.73
N ASN A 220 -10.76 -18.25 0.76
CA ASN A 220 -10.82 -19.06 1.96
C ASN A 220 -9.45 -19.42 2.53
N THR A 221 -8.40 -19.44 1.69
CA THR A 221 -7.12 -19.99 2.10
C THR A 221 -6.14 -18.97 2.67
N GLN A 222 -6.28 -17.68 2.32
CA GLN A 222 -5.33 -16.67 2.76
C GLN A 222 -6.00 -15.52 3.51
N SER A 223 -7.27 -15.65 3.86
CA SER A 223 -8.03 -14.57 4.49
C SER A 223 -7.78 -14.44 5.98
N HIS A 224 -7.04 -15.35 6.59
CA HIS A 224 -6.76 -15.32 8.02
C HIS A 224 -6.10 -14.01 8.48
N ASP A 227 -0.56 -11.48 10.49
N ASP A 227 -0.49 -11.67 9.72
CA ASP A 227 0.35 -10.97 9.47
CA ASP A 227 0.18 -10.55 9.07
C ASP A 227 1.42 -10.10 10.11
C ASP A 227 1.26 -9.93 9.95
N SER A 228 2.41 -9.67 9.33
CA SER A 228 3.41 -8.78 9.91
C SER A 228 2.77 -7.49 10.38
N PHE A 229 3.28 -6.95 11.48
CA PHE A 229 2.87 -5.71 12.12
C PHE A 229 1.59 -5.87 12.93
N SER A 230 0.88 -7.00 12.81
CA SER A 230 -0.42 -7.12 13.47
C SER A 230 -0.31 -6.90 14.97
N ASP A 231 0.75 -7.44 15.59
CA ASP A 231 1.00 -7.30 17.01
C ASP A 231 2.23 -6.45 17.29
N GLY A 232 2.63 -5.62 16.33
CA GLY A 232 3.81 -4.79 16.46
C GLY A 232 5.10 -5.47 16.05
N LEU A 233 5.06 -6.74 15.68
CA LEU A 233 6.25 -7.51 15.37
C LEU A 233 6.23 -7.95 13.91
N LEU A 234 7.43 -8.23 13.40
CA LEU A 234 7.56 -8.84 12.07
C LEU A 234 7.27 -10.33 12.14
N GLU A 235 6.73 -10.89 11.06
CA GLU A 235 6.51 -12.34 11.03
C GLU A 235 7.85 -13.06 10.88
N GLY A 236 7.94 -14.23 11.51
CA GLY A 236 9.08 -15.10 11.37
C GLY A 236 9.04 -15.93 10.10
N PRO A 237 10.04 -16.80 9.97
CA PRO A 237 10.13 -17.63 8.76
C PRO A 237 9.07 -18.71 8.70
N SER A 238 8.81 -19.15 7.46
CA SER A 238 7.89 -20.24 7.19
C SER A 238 8.61 -21.35 6.43
N TYR A 239 8.07 -22.56 6.54
CA TYR A 239 8.66 -23.75 5.95
C TYR A 239 7.57 -24.67 5.42
N THR A 240 7.91 -25.43 4.38
CA THR A 240 7.04 -26.49 3.85
C THR A 240 7.89 -27.70 3.51
N LYS A 241 7.25 -28.75 3.01
CA LYS A 241 7.94 -29.98 2.68
C LYS A 241 9.00 -29.72 1.61
N PRO A 242 10.10 -30.45 1.59
CA PRO A 242 10.41 -31.61 2.46
C PRO A 242 11.04 -31.22 3.81
N ARG A 243 11.07 -32.19 4.73
N ARG A 243 11.08 -32.19 4.74
CA ARG A 243 11.66 -31.94 6.05
CA ARG A 243 11.65 -31.93 6.05
C ARG A 243 13.12 -31.53 5.93
C ARG A 243 13.13 -31.56 5.96
N GLU A 244 13.87 -32.13 5.00
CA GLU A 244 15.27 -31.83 4.80
C GLU A 244 15.51 -31.53 3.33
N TRP A 245 16.18 -30.41 3.06
CA TRP A 245 16.39 -29.94 1.69
C TRP A 245 17.76 -29.27 1.62
N ARG A 246 18.63 -29.75 0.73
CA ARG A 246 19.95 -29.16 0.56
C ARG A 246 20.67 -29.02 1.90
N GLY A 247 20.54 -30.07 2.72
CA GLY A 247 21.21 -30.10 4.00
C GLY A 247 20.58 -29.27 5.10
N LEU A 248 19.44 -28.65 4.84
CA LEU A 248 18.78 -27.76 5.78
C LEU A 248 17.49 -28.40 6.26
N GLU A 249 17.37 -28.58 7.56
CA GLU A 249 16.21 -29.23 8.15
C GLU A 249 15.22 -28.19 8.66
N VAL A 250 13.94 -28.48 8.50
N VAL A 250 13.94 -28.47 8.52
CA VAL A 250 12.93 -27.61 9.12
CA VAL A 250 12.90 -27.66 9.13
C VAL A 250 13.04 -27.74 10.63
C VAL A 250 13.09 -27.74 10.64
N PRO A 251 12.83 -26.68 11.40
CA PRO A 251 12.91 -26.77 12.85
C PRO A 251 12.08 -27.93 13.40
N GLU A 252 12.71 -28.75 14.25
CA GLU A 252 12.07 -29.99 14.65
C GLU A 252 10.78 -29.76 15.42
N VAL A 253 10.66 -28.64 16.13
CA VAL A 253 9.42 -28.36 16.83
C VAL A 253 8.23 -28.37 15.88
N LEU A 254 8.44 -27.94 14.63
CA LEU A 254 7.32 -27.85 13.71
C LEU A 254 6.77 -29.21 13.30
N THR A 255 7.53 -30.29 13.51
CA THR A 255 7.05 -31.64 13.23
C THR A 255 6.67 -32.40 14.49
N SER A 256 6.56 -31.70 15.62
CA SER A 256 6.29 -32.34 16.90
C SER A 256 4.80 -32.55 17.16
N GLY A 257 3.94 -31.85 16.43
CA GLY A 257 2.52 -31.91 16.71
C GLY A 257 2.10 -31.25 18.01
N ASN A 258 3.04 -30.65 18.74
CA ASN A 258 2.74 -30.00 20.02
C ASN A 258 2.37 -28.55 19.75
N HIS A 259 1.08 -28.25 19.82
CA HIS A 259 0.62 -26.92 19.42
C HIS A 259 1.17 -25.84 20.32
N ALA A 260 1.28 -26.09 21.63
CA ALA A 260 1.78 -25.07 22.55
C ALA A 260 3.23 -24.71 22.24
N LYS A 261 4.07 -25.72 22.01
CA LYS A 261 5.48 -25.44 21.71
C LYS A 261 5.64 -24.79 20.35
N ILE A 262 4.82 -25.21 19.37
CA ILE A 262 4.88 -24.59 18.05
C ILE A 262 4.51 -23.12 18.15
N GLU A 263 3.46 -22.82 18.93
CA GLU A 263 3.03 -21.43 19.05
C GLU A 263 4.10 -20.59 19.75
N ARG A 264 4.77 -21.14 20.77
CA ARG A 264 5.86 -20.40 21.40
C ARG A 264 7.01 -20.17 20.43
N TRP A 265 7.35 -21.20 19.64
CA TRP A 265 8.40 -21.05 18.64
C TRP A 265 8.06 -19.94 17.67
N ARG A 266 6.80 -19.86 17.23
CA ARG A 266 6.43 -18.81 16.29
C ARG A 266 6.62 -17.44 16.91
N ARG A 267 6.28 -17.28 18.19
CA ARG A 267 6.47 -16.01 18.87
C ARG A 267 7.95 -15.67 18.99
N GLU A 268 8.77 -16.64 19.41
CA GLU A 268 10.21 -16.41 19.48
C GLU A 268 10.77 -15.97 18.14
N GLN A 269 10.38 -16.64 17.07
CA GLN A 269 10.94 -16.31 15.77
C GLN A 269 10.51 -14.93 15.30
N SER A 270 9.30 -14.51 15.69
CA SER A 270 8.86 -13.15 15.40
C SER A 270 9.66 -12.13 16.21
N LEU A 271 9.89 -12.41 17.49
CA LEU A 271 10.76 -11.54 18.28
C LEU A 271 12.16 -11.49 17.69
N LYS A 272 12.69 -12.64 17.26
CA LYS A 272 14.05 -12.71 16.74
C LYS A 272 14.17 -11.92 15.44
N ARG A 273 13.22 -12.10 14.51
CA ARG A 273 13.28 -11.37 13.25
C ARG A 273 13.18 -9.88 13.52
N THR A 274 12.29 -9.48 14.45
CA THR A 274 12.15 -8.05 14.75
C THR A 274 13.43 -7.51 15.37
N TRP A 275 14.01 -8.25 16.31
CA TRP A 275 15.28 -7.82 16.89
C TRP A 275 16.37 -7.69 15.84
N GLU A 276 16.46 -8.65 14.92
CA GLU A 276 17.51 -8.61 13.90
C GLU A 276 17.37 -7.41 12.98
N VAL A 277 16.15 -7.12 12.56
CA VAL A 277 15.91 -6.24 11.44
C VAL A 277 15.32 -4.89 11.86
N ARG A 278 14.50 -4.86 12.90
CA ARG A 278 13.80 -3.65 13.33
C ARG A 278 13.81 -3.57 14.85
N PRO A 279 15.00 -3.53 15.44
CA PRO A 279 15.05 -3.57 16.92
C PRO A 279 14.38 -2.38 17.58
N GLU A 280 14.29 -1.24 16.91
CA GLU A 280 13.59 -0.10 17.48
C GLU A 280 12.11 -0.37 17.69
N LEU A 281 11.51 -1.31 16.95
CA LEU A 281 10.12 -1.64 17.21
C LEU A 281 9.94 -2.27 18.58
N LEU A 282 10.94 -2.99 19.08
CA LEU A 282 10.83 -3.60 20.40
C LEU A 282 10.93 -2.54 21.50
N ASP A 283 11.64 -1.45 21.23
CA ASP A 283 11.77 -0.38 22.23
C ASP A 283 10.43 0.28 22.51
N GLY A 284 9.53 0.29 21.54
CA GLY A 284 8.21 0.85 21.71
C GLY A 284 7.19 -0.04 22.40
N GLU A 286 6.24 -2.87 25.77
CA GLU A 286 6.62 -3.46 27.05
C GLU A 286 6.51 -4.97 26.88
N LEU A 287 7.65 -5.64 26.75
CA LEU A 287 7.66 -7.09 26.65
C LEU A 287 7.52 -7.71 28.04
N ASP A 288 6.77 -8.81 28.12
CA ASP A 288 6.69 -9.55 29.36
C ASP A 288 7.98 -10.32 29.60
N ARG A 289 8.07 -10.98 30.75
CA ARG A 289 9.33 -11.62 31.11
C ARG A 289 9.73 -12.70 30.10
N HIS A 290 8.77 -13.47 29.61
CA HIS A 290 9.11 -14.52 28.64
C HIS A 290 9.77 -13.91 27.42
N ASP A 291 9.15 -12.86 26.86
CA ASP A 291 9.66 -12.26 25.63
C ASP A 291 10.92 -11.44 25.90
N GLN A 292 10.95 -10.72 27.02
CA GLN A 292 12.12 -9.91 27.33
C GLN A 292 13.33 -10.78 27.59
N ALA A 293 13.15 -11.89 28.31
CA ALA A 293 14.26 -12.80 28.55
C ALA A 293 14.77 -13.42 27.26
N TYR A 294 13.85 -13.74 26.34
CA TYR A 294 14.27 -14.30 25.06
C TYR A 294 15.11 -13.30 24.29
N VAL A 295 14.66 -12.05 24.23
CA VAL A 295 15.39 -11.03 23.48
C VAL A 295 16.75 -10.75 24.14
N GLU A 296 16.80 -10.74 25.47
CA GLU A 296 18.09 -10.57 26.14
C GLU A 296 19.05 -11.70 25.80
N GLY A 297 18.53 -12.91 25.57
CA GLY A 297 19.39 -13.99 25.13
C GLY A 297 19.97 -13.78 23.75
N LEU A 298 19.23 -13.07 22.89
CA LEU A 298 19.78 -12.71 21.58
C LEU A 298 20.90 -11.70 21.73
N ARG A 299 20.72 -10.72 22.61
CA ARG A 299 21.73 -9.67 22.79
C ARG A 299 23.02 -10.23 23.38
N ARG A 300 22.95 -11.31 24.15
CA ARG A 300 24.15 -11.92 24.72
C ARG A 300 24.84 -12.87 23.75
N GLY A 301 24.22 -13.19 22.61
CA GLY A 301 24.82 -14.10 21.66
C GLY A 301 24.93 -15.52 22.19
#